data_3G6L
#
_entry.id   3G6L
#
_cell.length_a   44.088
_cell.length_b   71.715
_cell.length_c   59.075
_cell.angle_alpha   90.00
_cell.angle_beta   91.25
_cell.angle_gamma   90.00
#
_symmetry.space_group_name_H-M   'P 1 21 1'
#
loop_
_entity.id
_entity.type
_entity.pdbx_description
1 polymer Chitinase
2 water water
#
_entity_poly.entity_id   1
_entity_poly.type   'polypeptide(L)'
_entity_poly.pdbx_seq_one_letter_code
;RATPRMEDLASTDLSTRATGSINAVYFTNWGIYGRNFQPADLQASKILHVLYSFMNLRVDGTVYSGDTYADLEKHYSDDS
WNDIGTNAYGCVKQLYKLKKANRSLKIMLSIGGWTWSTNFPAAASTEATRATFAKTAVEFMKDWGFDGIDVDWEYPASET
DANNMVLLLQRVRQELDSYSATYANGYHFQLSIAAPAGPSHYNVLKLAQLGSVLDNINLMAYDYAGSWDSVSGHQTNLYP
STSNPSSTPFSTKAAVDAYIAAGVPASKIILGMPIYGRAFVGTDGPGKPYSTIGEGSWESGIWDYKVLPKAGATVITDSA
AGATYSYDSSSRTMISYDTPDMVRTKVSYAKGLGLGGSMFWEASADKTGSDSLIGTALSSMGSHDSTQNCLSYPNSKFDN
IKNSLS
;
_entity_poly.pdbx_strand_id   A
#
# COMPACT_ATOMS: atom_id res chain seq x y z
N THR A 19 -2.73 -20.18 6.61
CA THR A 19 -1.48 -20.19 7.40
C THR A 19 -0.63 -18.94 7.04
N GLY A 20 0.17 -18.45 7.99
CA GLY A 20 1.14 -17.40 7.70
C GLY A 20 0.65 -15.97 7.84
N SER A 21 1.49 -15.04 7.37
CA SER A 21 1.28 -13.61 7.52
C SER A 21 1.19 -12.88 6.19
N ILE A 22 0.46 -11.78 6.21
CA ILE A 22 0.43 -10.84 5.08
C ILE A 22 1.74 -10.08 4.95
N ASN A 23 2.22 -9.95 3.71
CA ASN A 23 3.34 -9.10 3.34
C ASN A 23 2.92 -8.38 2.06
N ALA A 24 2.32 -7.22 2.24
CA ALA A 24 1.66 -6.54 1.13
C ALA A 24 2.61 -5.43 0.68
N VAL A 25 2.69 -5.20 -0.63
CA VAL A 25 3.68 -4.24 -1.19
C VAL A 25 3.05 -3.38 -2.30
N TYR A 26 3.18 -2.06 -2.17
CA TYR A 26 2.74 -1.17 -3.21
C TYR A 26 3.74 -1.22 -4.34
N PHE A 27 3.22 -1.31 -5.55
CA PHE A 27 4.02 -1.30 -6.76
C PHE A 27 3.31 -0.32 -7.61
N THR A 28 4.03 0.76 -7.94
CA THR A 28 3.47 1.90 -8.67
C THR A 28 3.70 1.71 -10.17
N ASN A 29 2.68 2.01 -10.96
CA ASN A 29 2.78 1.77 -12.38
C ASN A 29 3.76 2.74 -13.04
N TRP A 30 4.06 3.86 -12.34
CA TRP A 30 5.04 4.82 -12.83
C TRP A 30 6.48 4.52 -12.39
N GLY A 31 6.66 3.48 -11.58
CA GLY A 31 7.99 3.03 -11.18
C GLY A 31 8.72 2.51 -12.39
N ILE A 32 7.99 2.30 -13.49
CA ILE A 32 8.59 1.67 -14.66
C ILE A 32 9.45 2.62 -15.50
N TYR A 33 9.33 3.91 -15.22
CA TYR A 33 10.06 4.93 -15.95
C TYR A 33 11.40 5.27 -15.31
N GLY A 34 11.50 6.47 -14.72
CA GLY A 34 12.77 6.93 -14.14
C GLY A 34 13.35 5.99 -13.11
N ARG A 35 12.46 5.40 -12.29
CA ARG A 35 12.90 4.46 -11.27
C ARG A 35 13.33 3.12 -11.86
N ASN A 36 12.94 2.88 -13.12
CA ASN A 36 13.38 1.70 -13.86
C ASN A 36 13.15 0.39 -13.09
N PHE A 37 11.98 0.29 -12.48
CA PHE A 37 11.60 -0.83 -11.66
C PHE A 37 10.39 -1.53 -12.27
N GLN A 38 10.59 -2.75 -12.77
CA GLN A 38 9.58 -3.52 -13.51
C GLN A 38 9.00 -4.59 -12.61
N PRO A 39 7.79 -5.15 -12.93
CA PRO A 39 7.20 -6.19 -12.08
C PRO A 39 8.14 -7.35 -11.80
N ALA A 40 8.93 -7.78 -12.79
CA ALA A 40 9.80 -8.95 -12.61
C ALA A 40 10.93 -8.83 -11.56
N ASP A 41 11.23 -7.60 -11.15
CA ASP A 41 12.18 -7.32 -10.08
C ASP A 41 11.62 -7.45 -8.68
N LEU A 42 10.31 -7.57 -8.54
CA LEU A 42 9.72 -7.90 -7.24
C LEU A 42 10.26 -9.24 -6.72
N GLN A 43 10.43 -9.33 -5.40
CA GLN A 43 10.66 -10.61 -4.76
C GLN A 43 9.30 -11.31 -4.61
N ALA A 44 8.77 -11.81 -5.73
CA ALA A 44 7.42 -12.37 -5.80
C ALA A 44 7.16 -13.52 -4.83
N SER A 45 8.23 -14.22 -4.41
CA SER A 45 8.09 -15.31 -3.46
C SER A 45 7.98 -14.84 -2.01
N LYS A 46 8.12 -13.54 -1.77
CA LYS A 46 8.05 -12.97 -0.42
C LYS A 46 6.87 -12.04 -0.23
N ILE A 47 6.04 -11.91 -1.27
CA ILE A 47 4.89 -10.99 -1.25
C ILE A 47 3.57 -11.74 -1.36
N LEU A 48 2.62 -11.41 -0.50
CA LEU A 48 1.32 -12.03 -0.68
C LEU A 48 0.31 -11.18 -1.39
N HIS A 49 0.55 -9.86 -1.39
CA HIS A 49 -0.34 -8.89 -2.00
C HIS A 49 0.50 -7.83 -2.64
N VAL A 50 0.36 -7.72 -3.95
CA VAL A 50 0.90 -6.58 -4.66
C VAL A 50 -0.23 -5.57 -4.76
N LEU A 51 -0.01 -4.36 -4.24
CA LEU A 51 -1.02 -3.28 -4.35
C LEU A 51 -0.69 -2.50 -5.61
N TYR A 52 -1.26 -2.95 -6.73
CA TYR A 52 -0.99 -2.32 -8.05
C TYR A 52 -1.67 -0.95 -8.19
N SER A 53 -0.85 0.11 -8.23
CA SER A 53 -1.27 1.51 -8.00
C SER A 53 -0.85 2.48 -9.11
N PHE A 54 -1.68 3.48 -9.43
CA PHE A 54 -3.08 3.57 -9.02
C PHE A 54 -3.97 3.66 -10.26
N MET A 55 -5.21 3.24 -10.10
CA MET A 55 -6.30 3.66 -11.00
C MET A 55 -6.86 5.02 -10.55
N ASN A 56 -7.43 5.73 -11.52
CA ASN A 56 -8.09 7.00 -11.24
C ASN A 56 -9.60 6.75 -11.25
N LEU A 57 -10.36 7.79 -10.88
CA LEU A 57 -11.81 7.74 -10.86
C LEU A 57 -12.47 9.09 -11.13
N ARG A 58 -13.60 9.01 -11.84
CA ARG A 58 -14.45 10.13 -12.13
C ARG A 58 -15.48 10.31 -11.03
N VAL A 59 -15.98 11.54 -10.91
CA VAL A 59 -17.08 11.90 -10.04
C VAL A 59 -18.32 11.00 -10.20
N ASP A 60 -18.54 10.45 -11.39
CA ASP A 60 -19.72 9.56 -11.60
C ASP A 60 -19.47 8.11 -11.20
N GLY A 61 -18.26 7.89 -10.65
CA GLY A 61 -17.84 6.57 -10.13
C GLY A 61 -16.98 5.77 -11.07
N THR A 62 -16.83 6.26 -12.31
CA THR A 62 -16.08 5.51 -13.33
C THR A 62 -14.59 5.42 -13.00
N VAL A 63 -14.13 4.19 -12.79
CA VAL A 63 -12.71 3.85 -12.51
C VAL A 63 -12.07 3.71 -13.86
N TYR A 64 -10.86 4.27 -14.05
CA TYR A 64 -10.17 4.14 -15.33
C TYR A 64 -8.66 4.07 -15.13
N SER A 65 -7.97 3.46 -16.08
CA SER A 65 -6.50 3.49 -16.09
C SER A 65 -5.91 4.90 -16.24
N GLY A 66 -4.99 5.27 -15.35
CA GLY A 66 -4.23 6.52 -15.53
C GLY A 66 -3.04 6.48 -16.47
N ASP A 67 -2.74 5.30 -17.00
CA ASP A 67 -1.55 5.07 -17.82
C ASP A 67 -1.69 3.70 -18.48
N THR A 68 -2.31 3.69 -19.66
CA THR A 68 -2.57 2.39 -20.32
C THR A 68 -1.29 1.80 -20.88
N TYR A 69 -0.29 2.64 -21.15
CA TYR A 69 0.97 2.12 -21.64
C TYR A 69 1.61 1.27 -20.56
N ALA A 70 1.58 1.75 -19.31
CA ALA A 70 2.30 1.09 -18.27
C ALA A 70 1.51 -0.14 -17.88
N ASP A 71 0.19 0.02 -17.78
CA ASP A 71 -0.69 -1.04 -17.37
C ASP A 71 -0.75 -2.15 -18.41
N LEU A 72 -0.84 -1.83 -19.70
CA LEU A 72 -1.24 -2.85 -20.69
C LEU A 72 -0.52 -2.93 -22.04
N GLU A 73 0.28 -1.92 -22.38
CA GLU A 73 0.79 -1.78 -23.76
C GLU A 73 2.28 -1.94 -23.92
N LYS A 74 3.03 -1.68 -22.84
CA LYS A 74 4.48 -1.77 -22.90
C LYS A 74 4.85 -3.23 -23.22
N HIS A 75 5.69 -3.43 -24.24
CA HIS A 75 6.17 -4.79 -24.57
C HIS A 75 7.55 -5.01 -23.96
N TYR A 76 7.68 -6.03 -23.12
CA TYR A 76 9.00 -6.42 -22.63
C TYR A 76 9.65 -7.34 -23.68
N SER A 77 10.92 -7.68 -23.53
CA SER A 77 11.63 -8.45 -24.58
C SER A 77 11.06 -9.85 -24.87
N ASP A 78 10.33 -10.40 -23.90
CA ASP A 78 9.59 -11.66 -24.00
C ASP A 78 8.28 -11.56 -24.83
N ASP A 79 7.79 -10.34 -25.03
CA ASP A 79 6.47 -10.08 -25.62
C ASP A 79 6.51 -9.98 -27.16
N SER A 80 5.58 -10.65 -27.83
CA SER A 80 5.44 -10.62 -29.29
C SER A 80 4.47 -9.54 -29.78
N TRP A 81 4.66 -9.04 -31.01
CA TRP A 81 3.78 -7.99 -31.60
C TRP A 81 2.62 -8.56 -32.40
N ASN A 82 2.66 -9.87 -32.61
CA ASN A 82 1.72 -10.54 -33.47
C ASN A 82 1.01 -11.76 -32.88
N ASP A 83 0.89 -11.81 -31.54
CA ASP A 83 0.06 -12.78 -30.85
C ASP A 83 -1.33 -12.83 -31.51
N ILE A 84 -1.94 -14.01 -31.49
CA ILE A 84 -3.30 -14.17 -31.98
C ILE A 84 -4.27 -13.52 -30.98
N GLY A 85 -5.08 -12.58 -31.46
CA GLY A 85 -6.22 -12.07 -30.69
C GLY A 85 -5.96 -10.69 -30.14
N THR A 86 -6.71 -10.31 -29.12
CA THR A 86 -6.50 -9.06 -28.40
C THR A 86 -5.91 -9.43 -27.05
N ASN A 87 -4.80 -8.79 -26.72
CA ASN A 87 -3.92 -9.27 -25.67
C ASN A 87 -3.40 -8.16 -24.76
N ALA A 88 -3.06 -8.54 -23.54
CA ALA A 88 -2.54 -7.65 -22.54
C ALA A 88 -1.03 -7.82 -22.45
N TYR A 89 -0.35 -6.69 -22.23
CA TYR A 89 1.12 -6.65 -22.07
C TYR A 89 1.33 -5.74 -20.85
N GLY A 90 2.29 -4.82 -20.92
CA GLY A 90 2.58 -3.97 -19.78
C GLY A 90 2.74 -4.68 -18.47
N CYS A 91 2.55 -3.95 -17.37
CA CYS A 91 2.72 -4.55 -16.05
C CYS A 91 1.67 -5.61 -15.81
N VAL A 92 0.52 -5.53 -16.49
CA VAL A 92 -0.57 -6.53 -16.30
C VAL A 92 -0.06 -7.94 -16.64
N LYS A 93 0.50 -8.08 -17.84
CA LYS A 93 0.96 -9.41 -18.22
C LYS A 93 2.13 -9.82 -17.30
N GLN A 94 2.99 -8.87 -16.96
CA GLN A 94 4.21 -9.16 -16.18
C GLN A 94 3.84 -9.68 -14.81
N LEU A 95 2.79 -9.09 -14.24
CA LEU A 95 2.34 -9.47 -12.89
C LEU A 95 1.61 -10.82 -12.96
N TYR A 96 0.97 -11.09 -14.08
CA TYR A 96 0.26 -12.36 -14.20
C TYR A 96 1.23 -13.55 -14.28
N LYS A 97 2.32 -13.33 -15.01
CA LYS A 97 3.42 -14.26 -15.10
C LYS A 97 3.89 -14.66 -13.71
N LEU A 98 4.04 -13.66 -12.85
CA LEU A 98 4.53 -13.85 -11.47
C LEU A 98 3.54 -14.65 -10.63
N LYS A 99 2.26 -14.34 -10.81
CA LYS A 99 1.12 -15.07 -10.23
C LYS A 99 1.18 -16.57 -10.48
N LYS A 100 1.41 -16.94 -11.75
CA LYS A 100 1.56 -18.34 -12.15
C LYS A 100 2.68 -19.07 -11.43
N ALA A 101 3.80 -18.41 -11.22
CA ALA A 101 5.00 -19.02 -10.57
C ALA A 101 4.95 -18.96 -9.04
N ASN A 102 4.14 -18.07 -8.51
CA ASN A 102 4.03 -17.91 -7.05
C ASN A 102 2.56 -17.83 -6.63
N ARG A 103 2.02 -18.97 -6.21
CA ARG A 103 0.58 -19.14 -6.05
C ARG A 103 0.02 -18.34 -4.85
N SER A 104 0.89 -17.99 -3.90
CA SER A 104 0.48 -17.13 -2.79
C SER A 104 0.53 -15.64 -3.16
N LEU A 105 0.82 -15.30 -4.42
CA LEU A 105 0.95 -13.87 -4.79
C LEU A 105 -0.35 -13.32 -5.35
N LYS A 106 -1.09 -12.55 -4.54
CA LYS A 106 -2.34 -11.91 -4.97
C LYS A 106 -2.07 -10.52 -5.49
N ILE A 107 -2.70 -10.17 -6.61
CA ILE A 107 -2.56 -8.86 -7.20
C ILE A 107 -3.86 -8.08 -6.96
N MET A 108 -3.71 -6.94 -6.27
CA MET A 108 -4.83 -6.04 -5.90
C MET A 108 -4.84 -4.81 -6.78
N LEU A 109 -6.01 -4.44 -7.27
CA LEU A 109 -6.16 -3.30 -8.12
C LEU A 109 -6.38 -2.08 -7.22
N SER A 110 -5.38 -1.26 -7.01
CA SER A 110 -5.50 -0.10 -6.10
C SER A 110 -6.03 1.14 -6.78
N ILE A 111 -7.12 1.65 -6.20
CA ILE A 111 -7.85 2.79 -6.74
C ILE A 111 -7.75 3.99 -5.77
N GLY A 112 -7.36 5.13 -6.34
CA GLY A 112 -7.39 6.42 -5.67
C GLY A 112 -6.01 6.85 -5.27
N GLY A 113 -5.80 6.95 -3.96
CA GLY A 113 -4.52 7.29 -3.37
C GLY A 113 -4.55 8.74 -2.95
N TRP A 114 -3.51 9.16 -2.27
CA TRP A 114 -3.46 10.53 -1.73
C TRP A 114 -3.77 11.61 -2.76
N THR A 115 -3.30 11.41 -4.00
CA THR A 115 -3.33 12.43 -5.07
C THR A 115 -4.64 12.45 -5.88
N TRP A 116 -5.25 11.28 -6.02
CA TRP A 116 -6.46 11.05 -6.79
C TRP A 116 -7.72 10.71 -5.96
N SER A 117 -7.91 11.41 -4.84
CA SER A 117 -9.03 11.12 -3.93
C SER A 117 -10.17 12.15 -3.99
N THR A 118 -10.01 13.18 -4.81
CA THR A 118 -10.99 14.28 -4.81
C THR A 118 -12.35 13.95 -5.42
N ASN A 119 -12.44 12.91 -6.25
CA ASN A 119 -13.74 12.48 -6.80
C ASN A 119 -14.43 11.39 -5.98
N PHE A 120 -13.79 10.91 -4.90
CA PHE A 120 -14.38 9.80 -4.11
C PHE A 120 -15.74 10.15 -3.46
N PRO A 121 -15.85 11.34 -2.81
CA PRO A 121 -17.13 11.66 -2.17
C PRO A 121 -18.33 11.52 -3.13
N ALA A 122 -18.17 12.08 -4.32
CA ALA A 122 -19.20 12.05 -5.35
C ALA A 122 -19.35 10.64 -5.89
N ALA A 123 -18.22 9.94 -6.09
CA ALA A 123 -18.28 8.55 -6.56
C ALA A 123 -19.07 7.65 -5.62
N ALA A 124 -18.99 7.92 -4.31
CA ALA A 124 -19.65 7.12 -3.28
C ALA A 124 -21.06 7.57 -2.96
N SER A 125 -21.47 8.67 -3.61
CA SER A 125 -22.66 9.49 -3.22
C SER A 125 -24.04 8.92 -3.50
N THR A 126 -24.18 8.13 -4.57
CA THR A 126 -25.49 7.67 -4.96
C THR A 126 -25.49 6.17 -5.28
N GLU A 127 -26.70 5.62 -5.26
CA GLU A 127 -27.04 4.38 -5.91
C GLU A 127 -26.22 4.12 -7.19
N ALA A 128 -26.37 5.02 -8.14
CA ALA A 128 -25.82 4.93 -9.49
C ALA A 128 -24.29 4.99 -9.52
N THR A 129 -23.73 5.95 -8.80
CA THR A 129 -22.26 6.17 -8.80
C THR A 129 -21.53 5.01 -8.15
N ARG A 130 -22.14 4.42 -7.13
CA ARG A 130 -21.51 3.33 -6.39
C ARG A 130 -21.59 2.08 -7.26
N ALA A 131 -22.73 1.86 -7.91
CA ALA A 131 -22.83 0.73 -8.82
C ALA A 131 -21.84 0.82 -9.96
N THR A 132 -21.70 2.02 -10.54
CA THR A 132 -20.71 2.22 -11.61
C THR A 132 -19.30 1.92 -11.12
N PHE A 133 -18.95 2.43 -9.93
CA PHE A 133 -17.62 2.16 -9.35
C PHE A 133 -17.37 0.66 -9.25
N ALA A 134 -18.30 -0.04 -8.61
CA ALA A 134 -18.14 -1.48 -8.42
C ALA A 134 -17.94 -2.16 -9.77
N LYS A 135 -18.83 -1.82 -10.73
CA LYS A 135 -18.86 -2.50 -12.02
C LYS A 135 -17.55 -2.25 -12.79
N THR A 136 -17.16 -1.00 -12.88
CA THR A 136 -15.96 -0.64 -13.61
C THR A 136 -14.72 -1.28 -12.95
N ALA A 137 -14.67 -1.33 -11.61
CA ALA A 137 -13.48 -1.81 -10.90
C ALA A 137 -13.29 -3.30 -11.07
N VAL A 138 -14.39 -4.05 -10.91
CA VAL A 138 -14.41 -5.48 -11.13
C VAL A 138 -14.13 -5.81 -12.59
N GLU A 139 -14.60 -4.95 -13.52
CA GLU A 139 -14.30 -5.14 -14.96
C GLU A 139 -12.79 -5.24 -15.15
N PHE A 140 -12.05 -4.27 -14.59
CA PHE A 140 -10.58 -4.30 -14.69
C PHE A 140 -10.02 -5.57 -14.03
N MET A 141 -10.41 -5.82 -12.79
CA MET A 141 -9.93 -7.03 -12.06
C MET A 141 -10.09 -8.30 -12.91
N LYS A 142 -11.29 -8.50 -13.49
CA LYS A 142 -11.57 -9.71 -14.27
C LYS A 142 -10.92 -9.74 -15.66
N ASP A 143 -10.62 -8.56 -16.20
CA ASP A 143 -9.99 -8.49 -17.52
C ASP A 143 -8.48 -8.68 -17.36
N TRP A 144 -7.94 -8.09 -16.29
CA TRP A 144 -6.49 -8.00 -16.11
C TRP A 144 -5.92 -9.21 -15.38
N GLY A 145 -6.83 -10.03 -14.84
CA GLY A 145 -6.46 -11.23 -14.02
C GLY A 145 -5.99 -11.00 -12.60
N PHE A 146 -6.62 -10.06 -11.90
CA PHE A 146 -6.23 -9.67 -10.54
C PHE A 146 -7.12 -10.42 -9.54
N ASP A 147 -6.75 -10.35 -8.26
CA ASP A 147 -7.35 -11.17 -7.22
C ASP A 147 -8.24 -10.36 -6.29
N GLY A 148 -8.22 -9.05 -6.45
CA GLY A 148 -9.11 -8.18 -5.67
C GLY A 148 -8.90 -6.71 -5.94
N ILE A 149 -9.58 -5.90 -5.14
CA ILE A 149 -9.59 -4.45 -5.25
C ILE A 149 -9.19 -3.86 -3.92
N ASP A 150 -8.35 -2.81 -3.96
CA ASP A 150 -7.90 -2.11 -2.78
C ASP A 150 -8.35 -0.68 -2.98
N VAL A 151 -9.13 -0.13 -2.04
CA VAL A 151 -9.70 1.20 -2.23
C VAL A 151 -8.99 2.20 -1.32
N ASP A 152 -8.42 3.25 -1.90
CA ASP A 152 -7.61 4.20 -1.15
C ASP A 152 -8.16 5.62 -1.20
N TRP A 153 -9.28 5.80 -0.49
CA TRP A 153 -9.96 7.09 -0.39
C TRP A 153 -9.29 7.85 0.72
N GLU A 154 -8.60 8.92 0.35
CA GLU A 154 -7.81 9.68 1.29
C GLU A 154 -8.23 11.17 1.28
N TYR A 155 -9.24 11.57 2.06
CA TYR A 155 -9.91 10.81 3.10
C TYR A 155 -11.35 11.29 3.23
N PRO A 156 -12.27 10.38 3.60
CA PRO A 156 -13.65 10.76 3.91
C PRO A 156 -13.68 11.82 4.98
N ALA A 157 -14.52 12.83 4.76
CA ALA A 157 -14.49 14.06 5.56
C ALA A 157 -15.69 14.18 6.46
N SER A 158 -16.87 13.89 5.90
CA SER A 158 -18.14 14.01 6.61
C SER A 158 -18.67 12.66 7.09
N GLU A 159 -19.60 12.70 8.03
CA GLU A 159 -20.36 11.53 8.43
C GLU A 159 -21.06 10.88 7.20
N THR A 160 -21.58 11.71 6.30
CA THR A 160 -22.16 11.28 5.02
C THR A 160 -21.14 10.45 4.20
N ASP A 161 -19.97 11.02 3.95
CA ASP A 161 -18.83 10.27 3.36
C ASP A 161 -18.59 8.90 4.05
N ALA A 162 -18.56 8.89 5.37
CA ALA A 162 -18.25 7.65 6.08
C ALA A 162 -19.29 6.57 5.86
N ASN A 163 -20.57 6.93 5.86
CA ASN A 163 -21.62 5.94 5.58
C ASN A 163 -21.59 5.52 4.09
N ASN A 164 -21.29 6.49 3.22
CA ASN A 164 -21.17 6.25 1.78
C ASN A 164 -20.02 5.33 1.43
N MET A 165 -18.97 5.36 2.23
CA MET A 165 -17.81 4.46 2.08
C MET A 165 -18.20 3.00 2.36
N VAL A 166 -18.92 2.77 3.44
CA VAL A 166 -19.47 1.44 3.75
C VAL A 166 -20.35 0.97 2.61
N LEU A 167 -21.33 1.80 2.21
CA LEU A 167 -22.20 1.50 1.06
C LEU A 167 -21.43 1.11 -0.19
N LEU A 168 -20.33 1.82 -0.44
CA LEU A 168 -19.57 1.60 -1.67
C LEU A 168 -18.83 0.27 -1.62
N LEU A 169 -18.16 0.00 -0.50
CA LEU A 169 -17.41 -1.23 -0.31
C LEU A 169 -18.36 -2.42 -0.33
N GLN A 170 -19.56 -2.25 0.25
CA GLN A 170 -20.62 -3.29 0.18
C GLN A 170 -21.07 -3.66 -1.26
N ARG A 171 -21.25 -2.63 -2.08
CA ARG A 171 -21.59 -2.74 -3.50
C ARG A 171 -20.47 -3.41 -4.28
N VAL A 172 -19.23 -3.05 -3.95
CA VAL A 172 -18.06 -3.65 -4.59
C VAL A 172 -18.03 -5.11 -4.17
N ARG A 173 -18.19 -5.35 -2.87
CA ARG A 173 -18.31 -6.71 -2.34
C ARG A 173 -19.40 -7.53 -3.08
N GLN A 174 -20.58 -6.95 -3.25
CA GLN A 174 -21.66 -7.60 -3.96
C GLN A 174 -21.24 -8.00 -5.38
N GLU A 175 -20.53 -7.11 -6.04
CA GLU A 175 -20.13 -7.30 -7.43
C GLU A 175 -19.07 -8.38 -7.53
N LEU A 176 -18.12 -8.38 -6.60
CA LEU A 176 -17.11 -9.44 -6.54
C LEU A 176 -17.75 -10.81 -6.33
N ASP A 177 -18.70 -10.90 -5.39
CA ASP A 177 -19.42 -12.14 -5.08
C ASP A 177 -20.22 -12.68 -6.28
N SER A 178 -20.94 -11.81 -6.97
CA SER A 178 -21.68 -12.18 -8.19
C SER A 178 -20.79 -12.56 -9.36
N TYR A 179 -19.74 -11.77 -9.57
CA TYR A 179 -18.76 -12.03 -10.59
C TYR A 179 -18.19 -13.44 -10.37
N SER A 180 -17.73 -13.72 -9.15
CA SER A 180 -17.15 -15.02 -8.79
C SER A 180 -18.11 -16.22 -8.96
N ALA A 181 -19.39 -15.98 -8.67
CA ALA A 181 -20.38 -17.01 -8.81
C ALA A 181 -20.55 -17.45 -10.28
N THR A 182 -20.53 -16.49 -11.19
CA THR A 182 -20.70 -16.75 -12.64
C THR A 182 -19.42 -17.28 -13.31
N TYR A 183 -18.29 -16.73 -12.88
CA TYR A 183 -17.04 -16.80 -13.67
C TYR A 183 -15.80 -17.37 -12.96
N ALA A 184 -15.84 -17.52 -11.63
CA ALA A 184 -14.62 -17.96 -10.93
C ALA A 184 -14.81 -19.12 -10.00
N ASN A 185 -15.95 -19.81 -10.16
CA ASN A 185 -16.28 -20.96 -9.32
C ASN A 185 -16.20 -20.65 -7.83
N GLY A 186 -16.68 -19.48 -7.42
CA GLY A 186 -16.69 -19.13 -6.01
C GLY A 186 -15.40 -18.75 -5.34
N TYR A 187 -14.32 -18.56 -6.12
CA TYR A 187 -13.06 -17.97 -5.63
C TYR A 187 -13.33 -16.67 -4.84
N HIS A 188 -12.72 -16.54 -3.67
CA HIS A 188 -13.08 -15.42 -2.84
C HIS A 188 -12.14 -14.27 -3.21
N PHE A 189 -12.61 -13.41 -4.10
CA PHE A 189 -11.78 -12.26 -4.47
C PHE A 189 -11.71 -11.34 -3.27
N GLN A 190 -10.63 -10.57 -3.16
CA GLN A 190 -10.45 -9.81 -1.92
C GLN A 190 -10.77 -8.31 -2.05
N LEU A 191 -11.02 -7.68 -0.91
CA LEU A 191 -11.33 -6.25 -0.92
C LEU A 191 -10.67 -5.64 0.29
N SER A 192 -9.86 -4.60 0.06
CA SER A 192 -9.08 -3.98 1.13
C SER A 192 -9.12 -2.47 1.00
N ILE A 193 -8.71 -1.79 2.07
CA ILE A 193 -8.44 -0.35 2.00
C ILE A 193 -7.08 0.02 2.54
N ALA A 194 -6.57 1.14 2.05
CA ALA A 194 -5.49 1.86 2.75
C ALA A 194 -6.18 2.74 3.82
N ALA A 195 -5.73 2.60 5.07
CA ALA A 195 -6.42 3.30 6.18
C ALA A 195 -5.58 4.38 6.89
N PRO A 196 -6.22 5.48 7.34
CA PRO A 196 -5.53 6.58 8.02
C PRO A 196 -5.05 6.19 9.41
N ALA A 197 -3.84 6.60 9.74
CA ALA A 197 -3.31 6.50 11.11
C ALA A 197 -3.49 7.81 11.88
N GLY A 198 -4.05 8.83 11.24
CA GLY A 198 -4.24 10.13 11.88
C GLY A 198 -5.65 10.17 12.45
N PRO A 199 -5.80 10.52 13.74
CA PRO A 199 -7.11 10.48 14.38
C PRO A 199 -8.13 11.42 13.71
N SER A 200 -7.71 12.58 13.18
CA SER A 200 -8.68 13.45 12.48
C SER A 200 -9.39 12.74 11.31
N HIS A 201 -8.67 11.86 10.63
CA HIS A 201 -9.27 11.05 9.58
C HIS A 201 -9.96 9.77 10.16
N TYR A 202 -9.27 8.96 10.98
CA TYR A 202 -9.87 7.68 11.41
C TYR A 202 -11.06 7.78 12.34
N ASN A 203 -11.18 8.90 13.06
CA ASN A 203 -12.34 9.19 13.89
C ASN A 203 -13.59 9.47 13.06
N VAL A 204 -13.38 9.72 11.77
CA VAL A 204 -14.49 9.95 10.86
C VAL A 204 -15.05 8.62 10.33
N LEU A 205 -14.20 7.60 10.24
CA LEU A 205 -14.60 6.29 9.66
C LEU A 205 -15.51 5.44 10.54
N LYS A 206 -16.34 4.61 9.89
CA LYS A 206 -17.20 3.65 10.54
C LYS A 206 -16.31 2.41 10.65
N LEU A 207 -15.41 2.45 11.62
CA LEU A 207 -14.34 1.43 11.72
C LEU A 207 -14.85 0.01 11.90
N ALA A 208 -15.84 -0.21 12.77
CA ALA A 208 -16.36 -1.56 12.96
C ALA A 208 -16.96 -2.20 11.69
N GLN A 209 -17.83 -1.44 11.04
CA GLN A 209 -18.46 -1.81 9.77
C GLN A 209 -17.41 -2.06 8.67
N LEU A 210 -16.36 -1.24 8.64
CA LEU A 210 -15.23 -1.47 7.75
C LEU A 210 -14.55 -2.81 8.03
N GLY A 211 -14.29 -3.07 9.32
CA GLY A 211 -13.78 -4.38 9.76
C GLY A 211 -14.61 -5.57 9.30
N SER A 212 -15.93 -5.40 9.27
CA SER A 212 -16.84 -6.48 8.94
C SER A 212 -16.74 -6.82 7.44
N VAL A 213 -16.78 -5.80 6.60
CA VAL A 213 -16.91 -6.01 5.15
C VAL A 213 -15.59 -6.29 4.41
N LEU A 214 -14.46 -5.97 5.03
CA LEU A 214 -13.20 -5.97 4.28
C LEU A 214 -12.34 -7.16 4.63
N ASP A 215 -11.54 -7.62 3.67
CA ASP A 215 -10.56 -8.67 4.01
C ASP A 215 -9.43 -8.11 4.83
N ASN A 216 -8.96 -6.94 4.42
CA ASN A 216 -7.78 -6.37 5.09
C ASN A 216 -7.89 -4.87 5.17
N ILE A 217 -7.36 -4.31 6.25
CA ILE A 217 -7.24 -2.87 6.43
C ILE A 217 -5.76 -2.57 6.58
N ASN A 218 -5.22 -1.88 5.58
CA ASN A 218 -3.78 -1.67 5.47
C ASN A 218 -3.48 -0.31 6.09
N LEU A 219 -2.99 -0.34 7.32
CA LEU A 219 -2.79 0.91 8.05
C LEU A 219 -1.60 1.68 7.53
N MET A 220 -1.82 2.94 7.15
CA MET A 220 -0.76 3.80 6.60
C MET A 220 0.01 4.46 7.75
N ALA A 221 0.89 3.69 8.38
CA ALA A 221 1.62 4.05 9.58
C ALA A 221 2.96 4.72 9.22
N TYR A 222 2.82 5.80 8.49
CA TYR A 222 3.92 6.57 7.92
C TYR A 222 3.44 7.97 7.56
N ASP A 223 4.39 8.86 7.16
CA ASP A 223 4.11 10.24 6.77
C ASP A 223 3.55 11.05 7.95
N TYR A 224 4.07 10.76 9.13
CA TYR A 224 3.63 11.42 10.34
C TYR A 224 4.27 12.80 10.50
N ALA A 225 5.41 13.04 9.82
CA ALA A 225 6.12 14.30 9.90
C ALA A 225 6.64 14.65 8.54
N GLY A 226 6.76 15.96 8.29
CA GLY A 226 7.11 16.41 6.98
C GLY A 226 7.18 17.91 6.96
N SER A 227 7.17 18.46 5.75
CA SER A 227 7.20 19.91 5.53
C SER A 227 6.11 20.72 6.24
N TRP A 228 4.98 20.08 6.56
CA TRP A 228 3.83 20.78 7.15
C TRP A 228 3.95 20.99 8.66
N ASP A 229 5.01 20.48 9.25
CA ASP A 229 5.32 20.61 10.68
C ASP A 229 6.31 21.75 10.94
N SER A 230 6.17 22.39 12.09
CA SER A 230 7.05 23.51 12.41
C SER A 230 8.41 23.01 12.87
N VAL A 231 8.43 21.76 13.32
CA VAL A 231 9.64 21.12 13.82
C VAL A 231 9.78 19.73 13.23
N SER A 232 11.02 19.26 13.21
CA SER A 232 11.33 17.93 12.75
C SER A 232 10.62 16.88 13.61
N GLY A 233 10.35 15.72 13.01
CA GLY A 233 9.67 14.66 13.71
C GLY A 233 9.92 13.31 13.09
N HIS A 234 9.49 12.28 13.82
CA HIS A 234 9.52 10.90 13.35
C HIS A 234 8.29 10.65 12.46
N GLN A 235 8.49 10.07 11.29
CA GLN A 235 7.37 9.86 10.36
C GLN A 235 6.64 8.55 10.55
N THR A 236 7.17 7.64 11.36
CA THR A 236 6.64 6.25 11.43
C THR A 236 6.95 5.52 12.75
N ASN A 237 6.96 6.31 13.84
CA ASN A 237 7.26 5.81 15.17
C ASN A 237 6.10 4.95 15.71
N LEU A 238 6.47 3.89 16.41
CA LEU A 238 5.51 3.05 17.12
C LEU A 238 4.79 3.78 18.25
N TYR A 239 5.51 4.66 18.96
CA TYR A 239 4.96 5.14 20.22
C TYR A 239 5.16 6.64 20.43
N PRO A 240 4.26 7.26 21.23
CA PRO A 240 4.59 8.65 21.56
C PRO A 240 5.92 8.67 22.29
N SER A 241 6.72 9.69 22.00
CA SER A 241 7.89 9.98 22.81
C SER A 241 7.52 10.83 24.05
N THR A 242 7.56 10.23 25.25
CA THR A 242 7.30 11.07 26.44
C THR A 242 8.43 12.03 26.80
N SER A 243 9.64 11.74 26.33
CA SER A 243 10.77 12.59 26.67
C SER A 243 10.76 13.79 25.76
N ASN A 244 10.35 13.58 24.51
CA ASN A 244 10.37 14.59 23.45
C ASN A 244 9.09 14.51 22.57
N PRO A 245 7.92 14.88 23.14
CA PRO A 245 6.59 14.81 22.48
C PRO A 245 6.45 15.56 21.18
N SER A 246 7.19 16.66 21.02
CA SER A 246 7.11 17.41 19.78
C SER A 246 7.64 16.60 18.59
N SER A 247 8.49 15.62 18.85
CA SER A 247 9.08 14.75 17.79
C SER A 247 8.09 13.67 17.30
N THR A 248 6.98 13.53 18.01
CA THR A 248 5.99 12.51 17.69
C THR A 248 4.56 13.07 17.68
N PRO A 249 4.21 13.80 16.62
CA PRO A 249 2.82 14.26 16.43
C PRO A 249 1.78 13.14 16.29
N PHE A 250 2.21 11.94 15.89
CA PHE A 250 1.37 10.74 15.81
C PHE A 250 2.11 9.55 16.38
N SER A 251 1.41 8.41 16.45
CA SER A 251 2.03 7.12 16.76
C SER A 251 1.16 6.00 16.20
N THR A 252 1.82 4.94 15.76
CA THR A 252 1.11 3.74 15.36
C THR A 252 0.32 3.13 16.52
N LYS A 253 0.91 3.16 17.72
CA LYS A 253 0.23 2.59 18.87
C LYS A 253 -1.15 3.19 19.04
N ALA A 254 -1.25 4.53 18.95
CA ALA A 254 -2.53 5.20 19.13
C ALA A 254 -3.57 4.78 18.09
N ALA A 255 -3.15 4.64 16.83
CA ALA A 255 -4.02 4.23 15.73
C ALA A 255 -4.48 2.77 15.90
N VAL A 256 -3.52 1.87 16.04
CA VAL A 256 -3.83 0.45 16.25
C VAL A 256 -4.81 0.24 17.42
N ASP A 257 -4.50 0.79 18.59
CA ASP A 257 -5.41 0.75 19.73
C ASP A 257 -6.83 1.25 19.38
N ALA A 258 -6.91 2.39 18.72
CA ALA A 258 -8.21 2.97 18.32
C ALA A 258 -9.02 2.08 17.42
N TYR A 259 -8.37 1.45 16.44
CA TYR A 259 -9.04 0.48 15.53
C TYR A 259 -9.48 -0.80 16.26
N ILE A 260 -8.61 -1.35 17.10
CA ILE A 260 -8.98 -2.56 17.87
C ILE A 260 -10.11 -2.27 18.87
N ALA A 261 -10.05 -1.10 19.50
CA ALA A 261 -11.04 -0.69 20.50
C ALA A 261 -12.38 -0.52 19.81
N ALA A 262 -12.34 -0.02 18.57
CA ALA A 262 -13.51 0.18 17.71
C ALA A 262 -14.17 -1.12 17.27
N GLY A 263 -13.44 -2.23 17.34
CA GLY A 263 -13.98 -3.58 17.04
C GLY A 263 -13.53 -4.11 15.68
N VAL A 264 -12.45 -3.54 15.14
CA VAL A 264 -11.81 -4.09 13.95
C VAL A 264 -11.00 -5.29 14.44
N PRO A 265 -11.21 -6.47 13.84
CA PRO A 265 -10.37 -7.61 14.28
C PRO A 265 -8.89 -7.33 14.00
N ALA A 266 -8.05 -7.52 15.02
CA ALA A 266 -6.60 -7.37 14.91
C ALA A 266 -6.06 -8.04 13.66
N SER A 267 -6.61 -9.20 13.33
CA SER A 267 -6.00 -10.05 12.30
C SER A 267 -6.26 -9.47 10.90
N LYS A 268 -7.15 -8.48 10.81
CA LYS A 268 -7.41 -7.75 9.56
C LYS A 268 -6.56 -6.48 9.42
N ILE A 269 -5.88 -6.08 10.50
CA ILE A 269 -5.09 -4.86 10.48
C ILE A 269 -3.69 -5.25 10.03
N ILE A 270 -3.25 -4.64 8.94
CA ILE A 270 -1.92 -4.93 8.40
C ILE A 270 -1.07 -3.70 8.61
N LEU A 271 0.11 -3.87 9.19
CA LEU A 271 0.90 -2.68 9.59
C LEU A 271 1.72 -2.15 8.45
N GLY A 272 1.37 -0.97 7.95
CA GLY A 272 2.12 -0.33 6.88
C GLY A 272 3.42 0.29 7.39
N MET A 273 4.48 0.20 6.57
CA MET A 273 5.82 0.76 6.84
C MET A 273 6.47 1.42 5.62
N PRO A 274 7.26 2.50 5.84
CA PRO A 274 7.91 3.19 4.71
C PRO A 274 9.20 2.52 4.17
N ILE A 275 9.32 2.48 2.84
CA ILE A 275 10.63 2.13 2.22
C ILE A 275 11.28 3.43 1.66
N TYR A 276 11.44 4.41 2.55
CA TYR A 276 11.88 5.75 2.19
C TYR A 276 12.10 6.57 3.44
N GLY A 277 12.91 7.63 3.33
CA GLY A 277 13.07 8.59 4.43
C GLY A 277 12.48 9.98 4.21
N ARG A 278 11.98 10.60 5.27
CA ARG A 278 11.59 12.01 5.20
C ARG A 278 12.63 12.87 5.90
N ALA A 279 13.23 13.77 5.12
CA ALA A 279 14.36 14.59 5.58
C ALA A 279 13.94 15.90 6.23
N PHE A 280 14.80 16.32 7.16
CA PHE A 280 14.76 17.62 7.81
C PHE A 280 16.22 18.19 7.81
N VAL A 281 16.44 19.19 6.97
CA VAL A 281 17.77 19.76 6.75
C VAL A 281 17.96 21.04 7.57
N GLY A 282 19.12 21.11 8.22
CA GLY A 282 19.42 22.20 9.13
C GLY A 282 18.60 22.12 10.41
N THR A 283 18.75 21.01 11.12
CA THR A 283 18.01 20.70 12.37
C THR A 283 18.95 20.15 13.45
N ASP A 284 18.63 20.37 14.72
CA ASP A 284 19.46 19.93 15.84
C ASP A 284 19.17 18.46 16.14
N GLY A 285 18.06 17.95 15.61
CA GLY A 285 17.63 16.57 15.90
C GLY A 285 16.11 16.50 15.89
N PRO A 286 15.52 15.40 16.44
CA PRO A 286 14.09 15.24 16.52
C PRO A 286 13.41 16.35 17.34
N GLY A 287 12.29 16.85 16.84
CA GLY A 287 11.51 17.86 17.60
C GLY A 287 12.16 19.23 17.68
N LYS A 288 12.85 19.58 16.60
CA LYS A 288 13.58 20.84 16.49
C LYS A 288 13.20 21.57 15.21
N PRO A 289 13.34 22.91 15.20
CA PRO A 289 13.24 23.69 13.95
C PRO A 289 14.20 23.20 12.88
N TYR A 290 13.77 23.24 11.63
CA TYR A 290 14.60 22.78 10.51
C TYR A 290 14.56 23.87 9.40
N SER A 291 15.59 23.95 8.59
CA SER A 291 15.63 24.97 7.56
C SER A 291 14.72 24.60 6.40
N THR A 292 14.93 23.42 5.86
CA THR A 292 14.21 22.95 4.68
C THR A 292 14.20 21.40 4.69
N ILE A 293 13.23 20.79 4.00
CA ILE A 293 13.20 19.34 3.79
C ILE A 293 14.31 18.92 2.81
N GLY A 294 14.83 19.88 2.06
CA GLY A 294 15.99 19.66 1.20
C GLY A 294 15.65 18.82 -0.01
N GLU A 295 16.67 18.19 -0.58
CA GLU A 295 16.53 17.42 -1.81
C GLU A 295 15.90 16.06 -1.57
N GLY A 296 15.65 15.33 -2.67
CA GLY A 296 15.20 13.94 -2.53
C GLY A 296 15.60 13.09 -3.72
N SER A 297 15.20 11.82 -3.69
CA SER A 297 15.50 10.89 -4.77
C SER A 297 14.67 11.18 -6.01
N TRP A 298 13.38 11.43 -5.81
CA TRP A 298 12.45 11.72 -6.92
C TRP A 298 11.59 12.97 -6.67
N GLU A 299 11.47 13.34 -5.39
CA GLU A 299 10.86 14.61 -5.01
C GLU A 299 11.52 15.19 -3.76
N SER A 300 11.48 16.51 -3.63
CA SER A 300 11.97 17.20 -2.43
C SER A 300 11.61 16.48 -1.14
N GLY A 301 12.62 16.33 -0.27
CA GLY A 301 12.41 15.92 1.13
C GLY A 301 12.22 14.43 1.41
N ILE A 302 12.31 13.61 0.36
CA ILE A 302 12.05 12.16 0.45
C ILE A 302 13.15 11.36 -0.29
N TRP A 303 13.69 10.36 0.42
CA TRP A 303 14.81 9.55 -0.06
C TRP A 303 14.42 8.09 -0.10
N ASP A 304 14.71 7.44 -1.21
CA ASP A 304 14.60 6.00 -1.29
C ASP A 304 15.37 5.31 -0.18
N TYR A 305 14.77 4.25 0.39
CA TYR A 305 15.48 3.49 1.43
C TYR A 305 16.82 2.94 0.93
N LYS A 306 16.89 2.58 -0.36
CA LYS A 306 18.12 1.97 -0.90
C LYS A 306 19.36 2.89 -0.96
N VAL A 307 19.16 4.18 -0.71
CA VAL A 307 20.29 5.11 -0.62
C VAL A 307 20.64 5.56 0.80
N LEU A 308 19.96 4.98 1.77
CA LEU A 308 20.15 5.35 3.16
C LEU A 308 20.74 4.20 3.94
N PRO A 309 21.58 4.52 4.94
CA PRO A 309 22.04 5.85 5.38
C PRO A 309 23.14 6.35 4.46
N LYS A 310 23.30 7.68 4.42
CA LYS A 310 24.31 8.31 3.58
C LYS A 310 25.60 8.45 4.38
N ALA A 311 26.73 8.55 3.67
CA ALA A 311 28.02 8.81 4.31
C ALA A 311 27.90 10.03 5.24
N GLY A 312 28.48 9.91 6.44
CA GLY A 312 28.46 10.99 7.44
C GLY A 312 27.27 10.98 8.40
N ALA A 313 26.30 10.10 8.14
CA ALA A 313 25.16 10.02 9.02
C ALA A 313 25.30 8.79 9.88
N THR A 314 24.92 8.95 11.14
CA THR A 314 24.87 7.85 12.07
C THR A 314 23.42 7.42 12.24
N VAL A 315 23.21 6.13 12.26
CA VAL A 315 21.88 5.57 12.49
C VAL A 315 21.56 5.56 13.98
N ILE A 316 20.43 6.16 14.32
CA ILE A 316 20.00 6.30 15.70
C ILE A 316 18.71 5.50 15.91
N THR A 317 18.65 4.77 17.01
CA THR A 317 17.45 4.08 17.42
C THR A 317 16.91 4.73 18.68
N ASP A 318 15.68 5.23 18.64
CA ASP A 318 15.03 5.66 19.85
C ASP A 318 14.07 4.54 20.20
N SER A 319 14.41 3.73 21.18
CA SER A 319 13.59 2.52 21.52
C SER A 319 12.27 2.82 22.30
N ALA A 320 12.24 3.94 23.00
CA ALA A 320 11.04 4.40 23.73
C ALA A 320 9.94 4.89 22.78
N ALA A 321 10.35 5.63 21.77
CA ALA A 321 9.46 6.10 20.72
C ALA A 321 9.24 5.05 19.61
N GLY A 322 10.10 4.03 19.59
CA GLY A 322 9.98 2.94 18.61
C GLY A 322 10.22 3.46 17.20
N ALA A 323 11.40 4.04 17.00
CA ALA A 323 11.71 4.71 15.73
C ALA A 323 13.21 4.64 15.47
N THR A 324 13.59 4.70 14.21
CA THR A 324 14.97 4.93 13.76
C THR A 324 15.06 6.16 12.86
N TYR A 325 16.25 6.74 12.85
CA TYR A 325 16.59 7.86 11.99
C TYR A 325 18.09 7.93 11.84
N SER A 326 18.51 8.49 10.71
CA SER A 326 19.91 8.79 10.47
C SER A 326 20.09 10.28 10.83
N TYR A 327 21.23 10.61 11.44
CA TYR A 327 21.52 12.02 11.70
C TYR A 327 22.96 12.34 11.32
N ASP A 328 23.17 13.40 10.51
CA ASP A 328 24.50 13.89 10.14
C ASP A 328 24.77 15.18 10.92
N SER A 329 25.67 15.14 11.91
CA SER A 329 25.99 16.34 12.74
C SER A 329 26.61 17.51 11.98
N SER A 330 27.26 17.21 10.85
CA SER A 330 27.97 18.21 10.06
C SER A 330 27.01 19.06 9.20
N SER A 331 26.05 18.40 8.55
CA SER A 331 25.05 19.09 7.74
C SER A 331 23.76 19.33 8.53
N ARG A 332 23.74 18.85 9.77
CA ARG A 332 22.55 18.91 10.68
C ARG A 332 21.29 18.38 10.00
N THR A 333 21.45 17.20 9.41
CA THR A 333 20.38 16.62 8.58
C THR A 333 19.81 15.38 9.28
N MET A 334 18.50 15.36 9.48
CA MET A 334 17.86 14.17 10.05
C MET A 334 17.01 13.53 8.98
N ILE A 335 17.07 12.20 8.87
CA ILE A 335 16.21 11.49 7.93
C ILE A 335 15.47 10.37 8.66
N SER A 336 14.15 10.51 8.70
CA SER A 336 13.28 9.55 9.37
C SER A 336 12.90 8.45 8.40
N TYR A 337 13.35 7.23 8.69
CA TYR A 337 13.10 6.03 7.88
C TYR A 337 13.20 4.80 8.78
N ASP A 338 12.84 3.64 8.24
CA ASP A 338 12.94 2.36 8.95
C ASP A 338 14.15 1.58 8.46
N THR A 339 15.01 1.23 9.42
CA THR A 339 16.07 0.28 9.19
C THR A 339 15.58 -1.19 9.26
N PRO A 340 16.39 -2.14 8.77
CA PRO A 340 15.99 -3.52 8.98
C PRO A 340 15.67 -3.88 10.45
N ASP A 341 16.51 -3.47 11.40
CA ASP A 341 16.18 -3.75 12.81
C ASP A 341 14.87 -3.10 13.27
N MET A 342 14.54 -1.94 12.72
CA MET A 342 13.28 -1.26 13.06
C MET A 342 12.07 -2.06 12.56
N VAL A 343 12.20 -2.63 11.37
CA VAL A 343 11.18 -3.52 10.82
C VAL A 343 10.95 -4.74 11.71
N ARG A 344 12.06 -5.34 12.16
CA ARG A 344 12.01 -6.45 13.10
C ARG A 344 11.26 -6.06 14.37
N THR A 345 11.53 -4.85 14.85
CA THR A 345 10.94 -4.34 16.11
C THR A 345 9.42 -4.13 15.91
N LYS A 346 9.05 -3.55 14.76
CA LYS A 346 7.62 -3.41 14.41
C LYS A 346 6.85 -4.72 14.25
N VAL A 347 7.50 -5.71 13.62
CA VAL A 347 6.92 -7.03 13.42
C VAL A 347 6.69 -7.62 14.78
N SER A 348 7.67 -7.49 15.67
CA SER A 348 7.54 -7.95 17.05
C SER A 348 6.36 -7.31 17.80
N TYR A 349 6.19 -6.00 17.63
CA TYR A 349 5.04 -5.33 18.21
C TYR A 349 3.70 -5.85 17.67
N ALA A 350 3.66 -6.06 16.36
CA ALA A 350 2.46 -6.51 15.62
C ALA A 350 2.07 -7.93 16.04
N LYS A 351 3.08 -8.77 16.19
CA LYS A 351 2.86 -10.14 16.72
C LYS A 351 2.19 -10.16 18.11
N GLY A 352 2.59 -9.25 18.98
CA GLY A 352 2.06 -9.15 20.33
C GLY A 352 0.58 -8.74 20.38
N LEU A 353 0.17 -8.00 19.35
CA LEU A 353 -1.25 -7.67 19.14
C LEU A 353 -2.05 -8.59 18.20
N GLY A 354 -1.37 -9.53 17.53
CA GLY A 354 -1.97 -10.37 16.49
C GLY A 354 -2.45 -9.68 15.22
N LEU A 355 -1.72 -8.65 14.81
CA LEU A 355 -1.99 -8.00 13.52
C LEU A 355 -1.82 -9.06 12.41
N GLY A 356 -2.38 -8.81 11.23
CA GLY A 356 -2.43 -9.81 10.16
C GLY A 356 -1.14 -9.94 9.39
N GLY A 357 -0.28 -8.93 9.47
CA GLY A 357 1.04 -8.95 8.85
C GLY A 357 1.53 -7.54 8.56
N SER A 358 2.37 -7.42 7.52
CA SER A 358 3.04 -6.18 7.17
C SER A 358 2.58 -5.60 5.82
N MET A 359 2.76 -4.28 5.64
CA MET A 359 2.57 -3.59 4.35
C MET A 359 3.67 -2.55 4.07
N PHE A 360 3.99 -2.33 2.80
CA PHE A 360 5.03 -1.37 2.47
C PHE A 360 4.68 -0.41 1.29
N TRP A 361 4.98 0.89 1.46
CA TRP A 361 5.08 1.87 0.35
C TRP A 361 6.55 2.25 0.21
N GLU A 362 7.20 2.01 -0.93
CA GLU A 362 6.72 1.24 -2.10
C GLU A 362 7.91 0.36 -2.58
N ALA A 363 7.66 -0.49 -3.57
CA ALA A 363 8.57 -1.58 -3.99
C ALA A 363 9.95 -1.12 -4.41
N SER A 364 9.96 -0.07 -5.22
CA SER A 364 11.10 0.24 -6.06
C SER A 364 12.31 0.61 -5.20
N ALA A 365 12.04 1.17 -4.04
CA ALA A 365 13.07 1.81 -3.21
C ALA A 365 13.84 0.82 -2.33
N ASP A 366 13.47 -0.45 -2.36
CA ASP A 366 14.00 -1.35 -1.35
C ASP A 366 15.42 -1.77 -1.69
N LYS A 367 16.19 -2.08 -0.65
CA LYS A 367 17.47 -2.79 -0.84
C LYS A 367 17.21 -4.24 -1.27
N THR A 368 18.29 -4.91 -1.69
CA THR A 368 18.26 -6.30 -2.18
C THR A 368 18.88 -7.14 -1.11
N GLY A 369 18.71 -8.47 -1.21
CA GLY A 369 19.29 -9.36 -0.21
C GLY A 369 18.71 -9.14 1.16
N SER A 370 19.45 -9.48 2.21
CA SER A 370 18.84 -9.52 3.54
C SER A 370 18.44 -8.14 4.05
N ASP A 371 19.14 -7.10 3.60
CA ASP A 371 18.81 -5.72 3.94
C ASP A 371 17.52 -5.19 3.31
N SER A 372 16.90 -5.97 2.43
CA SER A 372 15.51 -5.71 2.02
C SER A 372 14.58 -5.63 3.22
N LEU A 373 13.78 -4.56 3.26
CA LEU A 373 12.74 -4.40 4.27
C LEU A 373 11.62 -5.41 4.11
N ILE A 374 11.19 -5.66 2.86
CA ILE A 374 10.16 -6.66 2.56
C ILE A 374 10.63 -8.05 3.05
N GLY A 375 11.88 -8.38 2.70
CA GLY A 375 12.54 -9.64 3.15
C GLY A 375 12.70 -9.75 4.66
N THR A 376 13.11 -8.66 5.29
CA THR A 376 13.32 -8.62 6.76
C THR A 376 11.95 -8.85 7.44
N ALA A 377 10.93 -8.12 7.00
CA ALA A 377 9.55 -8.41 7.45
C ALA A 377 9.10 -9.87 7.40
N LEU A 378 9.18 -10.50 6.22
CA LEU A 378 8.79 -11.88 6.11
C LEU A 378 9.64 -12.73 7.03
N SER A 379 10.93 -12.43 7.10
CA SER A 379 11.81 -13.26 7.93
C SER A 379 11.37 -13.23 9.39
N SER A 380 11.03 -12.04 9.86
CA SER A 380 10.55 -11.84 11.22
C SER A 380 9.13 -12.39 11.44
N MET A 381 8.28 -12.34 10.42
CA MET A 381 6.92 -12.78 10.56
C MET A 381 6.81 -14.31 10.58
N GLY A 382 7.65 -15.00 9.81
CA GLY A 382 7.67 -16.48 9.91
C GLY A 382 7.45 -17.25 8.62
N SER A 383 6.19 -17.46 8.25
CA SER A 383 5.79 -18.00 6.93
C SER A 383 4.80 -17.03 6.26
N HIS A 384 4.63 -17.20 4.94
CA HIS A 384 3.87 -16.29 4.09
C HIS A 384 2.43 -16.80 3.93
N ASP A 385 1.48 -15.87 4.03
CA ASP A 385 0.06 -16.11 3.77
C ASP A 385 -0.14 -17.23 2.74
N SER A 386 -0.79 -18.32 3.13
CA SER A 386 -0.95 -19.49 2.23
C SER A 386 -2.11 -19.38 1.26
N THR A 387 -2.90 -18.31 1.40
CA THR A 387 -4.06 -18.02 0.54
C THR A 387 -3.62 -18.00 -0.92
N GLN A 388 -4.14 -18.96 -1.69
CA GLN A 388 -3.78 -19.06 -3.10
C GLN A 388 -4.43 -17.96 -3.93
N ASN A 389 -3.80 -17.63 -5.04
CA ASN A 389 -4.42 -16.70 -5.97
C ASN A 389 -5.31 -17.48 -6.93
N CYS A 390 -6.00 -16.73 -7.80
CA CYS A 390 -6.84 -17.22 -8.89
C CYS A 390 -6.12 -17.15 -10.26
N LEU A 391 -6.14 -18.26 -11.01
CA LEU A 391 -5.56 -18.27 -12.36
C LEU A 391 -6.64 -18.67 -13.39
N SER A 392 -7.89 -18.34 -13.06
CA SER A 392 -8.94 -18.55 -14.01
C SER A 392 -9.78 -17.30 -14.25
N TYR A 393 -9.68 -16.81 -15.48
CA TYR A 393 -10.32 -15.56 -15.94
C TYR A 393 -11.04 -15.75 -17.31
N PRO A 394 -12.07 -16.64 -17.35
CA PRO A 394 -12.78 -16.99 -18.58
C PRO A 394 -13.46 -15.82 -19.28
N ASN A 395 -13.82 -14.76 -18.53
CA ASN A 395 -14.50 -13.59 -19.09
C ASN A 395 -13.56 -12.42 -19.46
N SER A 396 -12.25 -12.67 -19.43
CA SER A 396 -11.29 -11.66 -19.85
C SER A 396 -11.46 -11.31 -21.32
N LYS A 397 -11.44 -10.02 -21.61
CA LYS A 397 -11.43 -9.51 -22.98
C LYS A 397 -10.06 -9.76 -23.63
N PHE A 398 -9.07 -10.12 -22.81
CA PHE A 398 -7.71 -10.38 -23.28
C PHE A 398 -7.48 -11.89 -23.45
N ASP A 399 -7.25 -12.33 -24.68
CA ASP A 399 -7.02 -13.74 -25.00
C ASP A 399 -5.92 -14.40 -24.19
N ASN A 400 -4.79 -13.74 -24.05
CA ASN A 400 -3.71 -14.35 -23.29
C ASN A 400 -4.02 -14.53 -21.79
N ILE A 401 -4.83 -13.62 -21.22
CA ILE A 401 -5.18 -13.72 -19.79
C ILE A 401 -6.24 -14.79 -19.59
N LYS A 402 -7.25 -14.82 -20.46
CA LYS A 402 -8.24 -15.90 -20.36
C LYS A 402 -7.62 -17.30 -20.59
N ASN A 403 -6.50 -17.33 -21.33
CA ASN A 403 -5.71 -18.55 -21.48
C ASN A 403 -4.60 -18.74 -20.46
N SER A 404 -4.56 -17.85 -19.47
CA SER A 404 -3.58 -17.92 -18.37
C SER A 404 -2.12 -17.99 -18.91
N LEU A 405 -1.89 -17.23 -19.98
CA LEU A 405 -0.60 -17.13 -20.66
C LEU A 405 -0.05 -18.46 -21.11
N SER A 406 -0.90 -19.44 -21.38
CA SER A 406 -0.39 -20.73 -21.82
C SER A 406 -0.31 -20.80 -23.33
#